data_4JMD
#
_entry.id   4JMD
#
_cell.length_a   110.000
_cell.length_b   110.000
_cell.length_c   87.800
_cell.angle_alpha   90.00
_cell.angle_beta   90.00
_cell.angle_gamma   120.00
#
_symmetry.space_group_name_H-M   'P 31 2 1'
#
loop_
_entity.id
_entity.type
_entity.pdbx_description
1 polymer 'Putative uncharacterized protein mppR'
2 non-polymer '(3E)-4-(1H-imidazol-4-yl)but-3-enoic acid'
3 water water
#
_entity_poly.entity_id   1
_entity_poly.type   'polypeptide(L)'
_entity_poly.pdbx_seq_one_letter_code
;MVRQHAGPRDRSEIVTTSTGTNGRHTVAGPGSAGPVGYSLPLSPTGESAMLTPPPWHFSGEVVMVDYRVDPDAARRFLPP
GLEPGADPGAAAAVFATWQWCSQDGAELTDPGRCQFGEFLILLSCEFEGRPMARCPYAWVDQAVPMMRGWVQGMPKQFGV
IHQSRPVTVGKAGSRLAPGGRFDGALSVHGRRVVEASVTVDRSTDQPPALHDVPLAHTLVFPEWVPSGGGPRPRLVASEV
SDVEFSPIWTGSGDLTFFDGLGDDFGALAPLEVGSGHVFSYGETLHGGRLLSDYSVSERHQP
;
_entity_poly.pdbx_strand_id   A,B
#
loop_
_chem_comp.id
_chem_comp.type
_chem_comp.name
_chem_comp.formula
4IC non-polymer '(3E)-4-(1H-imidazol-4-yl)but-3-enoic acid' 'C7 H8 N2 O2'
#
# COMPACT_ATOMS: atom_id res chain seq x y z
N GLY A 34 30.91 -27.02 -3.77
CA GLY A 34 30.05 -26.45 -4.80
C GLY A 34 29.21 -25.33 -4.22
N PRO A 35 28.42 -24.69 -5.06
CA PRO A 35 27.63 -23.56 -4.58
C PRO A 35 26.50 -24.01 -3.65
N VAL A 36 26.11 -23.11 -2.75
CA VAL A 36 25.19 -23.43 -1.70
C VAL A 36 24.05 -22.41 -1.62
N GLY A 37 23.07 -22.67 -0.77
CA GLY A 37 22.03 -21.68 -0.52
C GLY A 37 20.80 -22.33 0.08
N TYR A 38 20.02 -21.54 0.81
CA TYR A 38 18.77 -22.03 1.36
C TYR A 38 17.81 -22.39 0.24
N SER A 39 17.90 -21.66 -0.87
CA SER A 39 17.10 -21.91 -2.06
C SER A 39 17.92 -21.54 -3.28
N LEU A 40 17.35 -21.82 -4.44
CA LEU A 40 17.90 -21.30 -5.70
C LEU A 40 17.86 -19.78 -5.70
N PRO A 41 18.74 -19.14 -6.48
CA PRO A 41 19.92 -19.71 -7.13
C PRO A 41 21.01 -20.04 -6.12
N LEU A 42 21.68 -21.16 -6.32
CA LEU A 42 22.85 -21.49 -5.51
C LEU A 42 24.02 -20.55 -5.86
N SER A 43 24.89 -20.29 -4.88
CA SER A 43 26.03 -19.41 -5.16
C SER A 43 27.17 -19.76 -4.20
N PRO A 44 28.38 -19.31 -4.50
CA PRO A 44 29.52 -19.73 -3.67
C PRO A 44 29.38 -19.40 -2.20
N THR A 45 28.83 -18.23 -1.86
CA THR A 45 28.64 -17.88 -0.45
C THR A 45 27.24 -18.16 0.12
N GLY A 46 26.29 -18.49 -0.74
CA GLY A 46 24.91 -18.65 -0.31
C GLY A 46 24.11 -17.36 -0.27
N GLU A 47 24.71 -16.25 -0.65
CA GLU A 47 24.05 -14.95 -0.50
C GLU A 47 23.00 -14.72 -1.60
N SER A 48 23.14 -15.39 -2.74
CA SER A 48 22.24 -15.16 -3.89
C SER A 48 20.84 -15.76 -3.74
N ALA A 49 20.67 -16.71 -2.82
CA ALA A 49 19.38 -17.40 -2.65
C ALA A 49 18.19 -16.45 -2.63
N MET A 50 17.16 -16.78 -3.38
CA MET A 50 15.95 -15.96 -3.40
C MET A 50 15.28 -15.87 -2.00
N LEU A 51 15.29 -16.97 -1.27
CA LEU A 51 14.63 -17.08 0.04
C LEU A 51 15.69 -17.18 1.13
N THR A 52 15.35 -16.66 2.30
CA THR A 52 16.17 -16.80 3.50
C THR A 52 15.57 -17.87 4.39
N PRO A 53 16.42 -18.52 5.20
CA PRO A 53 15.87 -19.49 6.15
C PRO A 53 14.89 -18.83 7.12
N PRO A 54 13.89 -19.57 7.58
CA PRO A 54 13.05 -19.08 8.67
C PRO A 54 13.89 -19.00 9.94
N PRO A 55 13.40 -18.31 10.98
CA PRO A 55 12.04 -17.76 11.11
C PRO A 55 11.85 -16.46 10.35
N TRP A 56 10.61 -16.21 9.98
CA TRP A 56 10.23 -14.94 9.37
C TRP A 56 9.13 -14.31 10.22
N HIS A 57 9.26 -12.99 10.40
CA HIS A 57 8.27 -12.22 11.12
C HIS A 57 7.33 -11.52 10.15
N PHE A 58 6.05 -11.48 10.55
CA PHE A 58 5.01 -10.83 9.75
C PHE A 58 4.24 -9.83 10.60
N SER A 59 3.99 -8.66 10.02
CA SER A 59 3.11 -7.66 10.61
C SER A 59 2.16 -7.17 9.53
N GLY A 60 0.86 -7.35 9.74
CA GLY A 60 -0.09 -7.08 8.67
C GLY A 60 -1.34 -6.34 9.12
N GLU A 61 -2.02 -5.78 8.13
N GLU A 61 -2.06 -5.84 8.12
CA GLU A 61 -3.33 -5.15 8.30
CA GLU A 61 -3.34 -5.16 8.32
C GLU A 61 -4.33 -6.01 7.53
C GLU A 61 -4.40 -5.91 7.51
N VAL A 62 -5.44 -6.35 8.19
CA VAL A 62 -6.39 -7.31 7.64
C VAL A 62 -7.80 -6.75 7.49
N VAL A 63 -8.44 -7.09 6.38
CA VAL A 63 -9.88 -6.86 6.19
C VAL A 63 -10.48 -8.21 5.84
N MET A 64 -11.36 -8.75 6.70
CA MET A 64 -11.78 -10.15 6.62
C MET A 64 -13.28 -10.23 6.68
N VAL A 65 -13.86 -11.13 5.90
CA VAL A 65 -15.30 -11.40 5.97
C VAL A 65 -15.56 -12.88 6.23
N ASP A 66 -16.29 -13.15 7.30
CA ASP A 66 -16.76 -14.51 7.58
C ASP A 66 -17.97 -14.80 6.68
N TYR A 67 -18.08 -16.03 6.23
CA TYR A 67 -19.22 -16.41 5.37
C TYR A 67 -19.56 -17.90 5.46
N ARG A 68 -20.74 -18.25 4.93
CA ARG A 68 -21.21 -19.62 4.88
C ARG A 68 -20.95 -20.20 3.50
N VAL A 69 -20.26 -21.32 3.48
CA VAL A 69 -19.94 -22.03 2.26
C VAL A 69 -20.71 -23.35 2.24
N ASP A 70 -20.94 -23.88 1.04
CA ASP A 70 -21.59 -25.18 0.89
C ASP A 70 -20.67 -26.23 1.51
N PRO A 71 -21.12 -26.95 2.54
CA PRO A 71 -20.19 -27.83 3.25
C PRO A 71 -19.68 -28.99 2.39
N ASP A 72 -20.51 -29.43 1.44
N ASP A 72 -20.51 -29.47 1.47
CA ASP A 72 -20.19 -30.51 0.52
CA ASP A 72 -20.09 -30.52 0.57
C ASP A 72 -19.14 -30.09 -0.51
C ASP A 72 -18.94 -29.99 -0.29
N ALA A 73 -19.13 -28.80 -0.85
CA ALA A 73 -18.07 -28.21 -1.69
C ALA A 73 -16.77 -28.11 -0.91
N ALA A 74 -16.84 -27.62 0.32
CA ALA A 74 -15.67 -27.48 1.16
C ALA A 74 -14.98 -28.82 1.44
N ARG A 75 -15.77 -29.86 1.72
CA ARG A 75 -15.28 -31.20 1.99
C ARG A 75 -14.39 -31.71 0.85
N ARG A 76 -14.76 -31.39 -0.38
CA ARG A 76 -14.01 -31.85 -1.56
C ARG A 76 -12.65 -31.18 -1.71
N PHE A 77 -12.42 -30.08 -0.98
CA PHE A 77 -11.10 -29.44 -0.96
C PHE A 77 -10.20 -29.94 0.19
N LEU A 78 -10.74 -30.81 1.06
CA LEU A 78 -9.95 -31.29 2.18
C LEU A 78 -9.24 -32.59 1.82
N PRO A 79 -7.91 -32.61 1.94
CA PRO A 79 -7.17 -33.84 1.65
C PRO A 79 -7.35 -34.86 2.78
N PRO A 80 -6.91 -36.10 2.54
CA PRO A 80 -7.04 -37.12 3.57
C PRO A 80 -6.41 -36.66 4.88
N GLY A 81 -7.09 -36.94 5.99
CA GLY A 81 -6.59 -36.55 7.29
C GLY A 81 -7.24 -35.28 7.79
N LEU A 82 -7.63 -34.38 6.89
CA LEU A 82 -8.38 -33.17 7.26
C LEU A 82 -9.87 -33.43 7.15
N GLU A 83 -10.55 -33.33 8.28
CA GLU A 83 -11.95 -33.65 8.33
C GLU A 83 -12.78 -32.38 8.46
N PRO A 84 -14.07 -32.47 8.13
CA PRO A 84 -14.92 -31.27 8.23
C PRO A 84 -14.90 -30.61 9.62
N GLY A 85 -14.97 -29.29 9.62
CA GLY A 85 -14.96 -28.52 10.86
C GLY A 85 -16.19 -28.83 11.70
N ALA A 86 -16.09 -28.61 13.02
CA ALA A 86 -17.24 -28.78 13.90
C ALA A 86 -18.42 -27.97 13.33
N ASP A 87 -18.10 -26.89 12.64
CA ASP A 87 -19.06 -26.14 11.83
C ASP A 87 -18.58 -26.18 10.38
N PRO A 88 -19.04 -27.19 9.63
CA PRO A 88 -18.46 -27.46 8.32
C PRO A 88 -18.66 -26.33 7.32
N GLY A 89 -19.69 -25.51 7.51
CA GLY A 89 -19.97 -24.43 6.57
C GLY A 89 -19.29 -23.11 6.88
N ALA A 90 -18.49 -23.05 7.93
CA ALA A 90 -17.80 -21.80 8.26
C ALA A 90 -16.57 -21.57 7.35
N ALA A 91 -16.59 -20.43 6.66
CA ALA A 91 -15.48 -20.00 5.80
C ALA A 91 -15.15 -18.54 6.05
N ALA A 92 -14.09 -18.07 5.40
CA ALA A 92 -13.72 -16.67 5.48
C ALA A 92 -12.95 -16.27 4.25
N ALA A 93 -13.15 -15.02 3.87
CA ALA A 93 -12.38 -14.37 2.82
C ALA A 93 -11.50 -13.33 3.51
N VAL A 94 -10.19 -13.38 3.23
CA VAL A 94 -9.22 -12.54 3.94
C VAL A 94 -8.35 -11.73 2.99
N PHE A 95 -8.44 -10.41 3.10
CA PHE A 95 -7.50 -9.49 2.45
C PHE A 95 -6.49 -9.03 3.49
N ALA A 96 -5.21 -9.05 3.13
CA ALA A 96 -4.22 -8.50 4.03
C ALA A 96 -3.10 -7.78 3.30
N THR A 97 -2.54 -6.78 3.94
CA THR A 97 -1.27 -6.19 3.50
C THR A 97 -0.22 -6.45 4.56
N TRP A 98 0.95 -6.92 4.15
CA TRP A 98 1.97 -7.38 5.07
C TRP A 98 3.28 -6.65 4.91
N GLN A 99 4.00 -6.51 6.02
CA GLN A 99 5.45 -6.37 6.01
C GLN A 99 6.02 -7.63 6.62
N TRP A 100 7.17 -8.07 6.13
CA TRP A 100 7.84 -9.25 6.67
C TRP A 100 9.34 -9.00 6.73
N CYS A 101 10.02 -9.79 7.56
CA CYS A 101 11.47 -9.78 7.55
C CYS A 101 12.02 -11.06 8.14
N SER A 102 13.30 -11.30 7.90
CA SER A 102 14.02 -12.36 8.56
C SER A 102 14.44 -11.92 9.98
N GLN A 103 15.12 -12.82 10.68
N GLN A 103 15.08 -12.80 10.73
CA GLN A 103 15.48 -12.64 12.07
CA GLN A 103 15.35 -12.47 12.12
C GLN A 103 16.36 -11.41 12.26
C GLN A 103 16.26 -11.24 12.22
N ASP A 104 17.13 -11.05 11.24
CA ASP A 104 18.04 -9.90 11.29
C ASP A 104 17.39 -8.56 10.93
N GLY A 105 16.16 -8.61 10.40
CA GLY A 105 15.41 -7.40 10.10
C GLY A 105 15.88 -6.65 8.88
N ALA A 106 16.76 -7.30 8.11
CA ALA A 106 17.47 -6.58 7.06
C ALA A 106 16.53 -6.07 5.98
N GLU A 107 15.49 -6.83 5.69
CA GLU A 107 14.57 -6.48 4.60
C GLU A 107 13.76 -5.21 4.89
N LEU A 108 13.62 -4.88 6.16
CA LEU A 108 12.76 -3.75 6.55
C LEU A 108 13.23 -2.43 5.96
N THR A 109 14.51 -2.27 5.67
CA THR A 109 15.00 -1.00 5.18
C THR A 109 14.73 -0.79 3.68
N ASP A 110 14.19 -1.81 3.00
CA ASP A 110 13.83 -1.72 1.59
C ASP A 110 12.33 -2.03 1.47
N PRO A 111 11.48 -1.01 1.57
CA PRO A 111 10.03 -1.29 1.60
C PRO A 111 9.55 -2.04 0.38
N GLY A 112 10.22 -1.85 -0.75
CA GLY A 112 9.86 -2.62 -1.93
C GLY A 112 10.13 -4.13 -1.83
N ARG A 113 11.08 -4.51 -0.99
N ARG A 113 11.06 -4.50 -0.96
CA ARG A 113 11.39 -5.91 -0.81
CA ARG A 113 11.44 -5.91 -0.78
C ARG A 113 10.49 -6.58 0.22
C ARG A 113 10.82 -6.58 0.44
N CYS A 114 10.09 -5.83 1.26
CA CYS A 114 9.48 -6.44 2.45
C CYS A 114 7.98 -6.32 2.54
N GLN A 115 7.34 -5.77 1.51
CA GLN A 115 5.89 -5.59 1.53
C GLN A 115 5.20 -6.49 0.50
N PHE A 116 4.02 -6.99 0.83
CA PHE A 116 3.17 -7.61 -0.18
C PHE A 116 1.71 -7.57 0.24
N GLY A 117 0.84 -7.74 -0.76
CA GLY A 117 -0.57 -7.88 -0.53
C GLY A 117 -1.04 -9.31 -0.80
N GLU A 118 -2.14 -9.71 -0.14
CA GLU A 118 -2.59 -11.11 -0.18
C GLU A 118 -4.10 -11.21 -0.07
N PHE A 119 -4.65 -12.16 -0.79
CA PHE A 119 -6.04 -12.57 -0.60
C PHE A 119 -6.08 -14.07 -0.42
N LEU A 120 -6.84 -14.54 0.56
N LEU A 120 -6.79 -14.52 0.62
CA LEU A 120 -6.98 -15.97 0.68
CA LEU A 120 -6.95 -15.94 0.97
C LEU A 120 -8.36 -16.37 1.19
C LEU A 120 -8.42 -16.34 1.14
N ILE A 121 -8.72 -17.61 0.87
CA ILE A 121 -9.93 -18.25 1.35
C ILE A 121 -9.52 -19.18 2.50
N LEU A 122 -10.28 -19.17 3.60
CA LEU A 122 -10.09 -20.15 4.67
C LEU A 122 -11.34 -20.99 4.86
N LEU A 123 -11.13 -22.28 5.07
CA LEU A 123 -12.21 -23.22 5.37
C LEU A 123 -11.98 -23.88 6.72
N SER A 124 -13.04 -24.05 7.48
N SER A 124 -13.06 -24.07 7.44
CA SER A 124 -12.92 -24.72 8.78
CA SER A 124 -13.02 -24.81 8.70
C SER A 124 -12.82 -26.25 8.63
C SER A 124 -12.67 -26.27 8.47
N CYS A 125 -11.87 -26.84 9.36
CA CYS A 125 -11.62 -28.27 9.32
C CYS A 125 -11.08 -28.71 10.67
N GLU A 126 -10.80 -30.00 10.81
N GLU A 126 -10.75 -29.99 10.78
CA GLU A 126 -10.13 -30.50 12.01
CA GLU A 126 -10.15 -30.54 11.98
C GLU A 126 -9.14 -31.59 11.64
C GLU A 126 -9.10 -31.56 11.59
N PHE A 127 -8.08 -31.69 12.44
CA PHE A 127 -7.09 -32.77 12.33
C PHE A 127 -6.99 -33.42 13.70
N GLU A 128 -7.25 -34.71 13.73
N GLU A 128 -7.15 -34.74 13.74
CA GLU A 128 -7.25 -35.47 14.97
CA GLU A 128 -7.22 -35.50 14.99
C GLU A 128 -8.01 -34.76 16.08
C GLU A 128 -8.02 -34.79 16.08
N GLY A 129 -9.17 -34.25 15.70
CA GLY A 129 -10.12 -33.70 16.64
C GLY A 129 -9.86 -32.25 17.01
N ARG A 130 -8.81 -31.68 16.46
CA ARG A 130 -8.43 -30.30 16.79
C ARG A 130 -8.78 -29.35 15.66
N PRO A 131 -9.42 -28.21 15.99
CA PRO A 131 -9.76 -27.25 14.94
C PRO A 131 -8.56 -26.64 14.23
N MET A 132 -8.67 -26.57 12.92
CA MET A 132 -7.67 -25.95 12.08
C MET A 132 -8.38 -25.22 10.95
N ALA A 133 -7.58 -24.56 10.11
CA ALA A 133 -8.09 -23.93 8.92
C ALA A 133 -7.33 -24.48 7.72
N ARG A 134 -8.05 -24.67 6.63
CA ARG A 134 -7.45 -25.02 5.36
C ARG A 134 -7.56 -23.85 4.42
N CYS A 135 -6.45 -23.49 3.80
CA CYS A 135 -6.44 -22.48 2.75
C CYS A 135 -6.40 -23.14 1.38
N PRO A 136 -7.55 -23.17 0.69
CA PRO A 136 -7.53 -23.86 -0.62
C PRO A 136 -7.00 -22.98 -1.75
N TYR A 137 -7.03 -21.68 -1.53
CA TYR A 137 -6.64 -20.70 -2.57
C TYR A 137 -6.07 -19.48 -1.89
N ALA A 138 -4.98 -18.98 -2.48
CA ALA A 138 -4.38 -17.73 -2.04
C ALA A 138 -3.75 -17.02 -3.23
N TRP A 139 -3.72 -15.68 -3.18
CA TRP A 139 -2.99 -14.93 -4.18
C TRP A 139 -2.17 -13.86 -3.50
N VAL A 140 -1.00 -13.60 -4.07
CA VAL A 140 -0.13 -12.53 -3.60
C VAL A 140 0.37 -11.73 -4.79
N ASP A 141 0.96 -10.57 -4.52
CA ASP A 141 1.41 -9.67 -5.58
C ASP A 141 2.94 -9.46 -5.63
N GLN A 142 3.68 -10.33 -4.94
CA GLN A 142 5.15 -10.29 -4.96
C GLN A 142 5.71 -11.71 -5.07
N ALA A 143 6.82 -11.84 -5.80
CA ALA A 143 7.39 -13.15 -6.12
C ALA A 143 7.99 -13.91 -4.94
N VAL A 144 8.70 -13.21 -4.06
CA VAL A 144 9.32 -13.91 -2.94
C VAL A 144 8.24 -14.56 -2.07
N PRO A 145 7.20 -13.80 -1.69
CA PRO A 145 6.15 -14.47 -0.91
C PRO A 145 5.49 -15.60 -1.68
N MET A 146 5.33 -15.45 -2.98
CA MET A 146 4.69 -16.52 -3.75
C MET A 146 5.47 -17.84 -3.62
N MET A 147 6.77 -17.79 -3.89
N MET A 147 6.77 -17.76 -3.88
CA MET A 147 7.60 -18.99 -3.81
CA MET A 147 7.63 -18.94 -3.85
C MET A 147 7.65 -19.52 -2.39
C MET A 147 7.74 -19.51 -2.43
N ARG A 148 7.84 -18.61 -1.44
CA ARG A 148 7.92 -19.03 -0.04
C ARG A 148 6.63 -19.71 0.38
N GLY A 149 5.51 -19.31 -0.19
CA GLY A 149 4.25 -19.98 0.09
C GLY A 149 4.31 -21.44 -0.30
N TRP A 150 4.81 -21.72 -1.50
CA TRP A 150 4.89 -23.12 -1.91
C TRP A 150 5.85 -23.93 -1.02
N VAL A 151 6.87 -23.28 -0.47
CA VAL A 151 7.76 -23.95 0.48
C VAL A 151 6.96 -24.52 1.65
N GLN A 152 5.95 -23.75 2.10
CA GLN A 152 5.14 -24.10 3.27
C GLN A 152 3.92 -24.91 2.91
N GLY A 153 3.64 -25.04 1.63
CA GLY A 153 2.44 -25.72 1.15
C GLY A 153 1.24 -24.80 0.97
N MET A 154 1.41 -23.49 1.18
N MET A 154 1.47 -23.51 1.04
CA MET A 154 0.33 -22.53 0.95
CA MET A 154 0.41 -22.56 0.88
C MET A 154 0.23 -22.34 -0.56
C MET A 154 0.23 -22.22 -0.58
N PRO A 155 -0.98 -22.49 -1.12
CA PRO A 155 -1.13 -22.57 -2.58
C PRO A 155 -1.24 -21.21 -3.30
N LYS A 156 -0.22 -20.39 -3.12
CA LYS A 156 -0.23 -19.02 -3.66
C LYS A 156 -0.06 -18.95 -5.19
N GLN A 157 -0.88 -18.13 -5.81
CA GLN A 157 -0.68 -17.72 -7.20
C GLN A 157 -0.55 -16.19 -7.22
N PHE A 158 -0.35 -15.60 -8.40
CA PHE A 158 -0.11 -14.17 -8.50
C PHE A 158 -1.42 -13.46 -8.87
N GLY A 159 -1.64 -12.31 -8.25
CA GLY A 159 -2.83 -11.53 -8.54
C GLY A 159 -2.60 -10.07 -8.26
N VAL A 160 -3.59 -9.26 -8.58
CA VAL A 160 -3.58 -7.85 -8.23
C VAL A 160 -4.58 -7.64 -7.11
N ILE A 161 -4.10 -7.11 -5.99
CA ILE A 161 -4.89 -7.07 -4.76
C ILE A 161 -4.90 -5.67 -4.18
N HIS A 162 -6.10 -5.14 -3.97
CA HIS A 162 -6.24 -3.79 -3.43
C HIS A 162 -7.05 -3.78 -2.16
N GLN A 163 -6.72 -2.86 -1.25
CA GLN A 163 -7.31 -2.86 0.08
C GLN A 163 -7.34 -1.45 0.63
N SER A 164 -8.47 -1.03 1.20
CA SER A 164 -8.58 0.28 1.85
C SER A 164 -7.70 0.37 3.06
N ARG A 165 -7.24 1.58 3.35
CA ARG A 165 -6.46 1.83 4.55
C ARG A 165 -7.19 2.87 5.40
N PRO A 166 -7.19 2.67 6.72
CA PRO A 166 -7.76 3.72 7.59
C PRO A 166 -6.94 4.98 7.48
N VAL A 167 -7.64 6.10 7.64
CA VAL A 167 -7.03 7.42 7.69
C VAL A 167 -7.30 8.03 9.07
N THR A 168 -6.48 8.99 9.45
CA THR A 168 -6.66 9.69 10.73
C THR A 168 -6.81 11.19 10.56
N VAL A 169 -6.61 11.69 9.34
CA VAL A 169 -6.72 13.10 9.05
C VAL A 169 -7.43 13.26 7.71
N GLY A 170 -8.05 14.41 7.49
CA GLY A 170 -8.69 14.68 6.21
C GLY A 170 -9.99 13.91 6.02
N LYS A 171 -10.49 13.89 4.78
CA LYS A 171 -11.81 13.36 4.47
C LYS A 171 -11.79 12.19 3.50
N ALA A 172 -10.62 11.85 2.96
CA ALA A 172 -10.54 10.86 1.91
C ALA A 172 -10.27 9.46 2.48
N GLY A 173 -11.24 8.97 3.25
CA GLY A 173 -11.18 7.62 3.77
C GLY A 173 -12.04 7.49 5.01
N SER A 174 -11.89 6.35 5.65
CA SER A 174 -12.62 6.03 6.86
C SER A 174 -11.66 5.94 8.03
N ARG A 175 -12.12 6.40 9.20
CA ARG A 175 -11.41 6.14 10.45
C ARG A 175 -11.75 4.73 10.92
N LEU A 176 -10.84 4.14 11.70
CA LEU A 176 -11.13 2.92 12.44
C LEU A 176 -12.01 3.27 13.63
N ALA A 177 -13.30 3.33 13.36
CA ALA A 177 -14.27 3.85 14.30
C ALA A 177 -15.64 3.44 13.78
N PRO A 178 -16.67 3.50 14.63
CA PRO A 178 -17.99 3.08 14.15
C PRO A 178 -18.39 3.80 12.88
N GLY A 179 -18.97 3.06 11.95
CA GLY A 179 -19.34 3.59 10.66
C GLY A 179 -18.24 3.58 9.61
N GLY A 180 -17.03 3.20 9.98
CA GLY A 180 -15.93 3.17 9.02
C GLY A 180 -16.07 2.01 8.04
N ARG A 181 -15.88 2.30 6.76
CA ARG A 181 -16.01 1.26 5.73
C ARG A 181 -14.66 0.98 5.09
N PHE A 182 -14.41 -0.31 4.83
CA PHE A 182 -13.14 -0.77 4.25
C PHE A 182 -13.42 -1.80 3.17
N ASP A 183 -12.77 -1.66 2.02
CA ASP A 183 -13.02 -2.52 0.87
C ASP A 183 -11.77 -3.29 0.43
N GLY A 184 -12.00 -4.44 -0.18
CA GLY A 184 -10.93 -5.23 -0.75
C GLY A 184 -11.32 -5.72 -2.14
N ALA A 185 -10.35 -5.85 -3.05
CA ALA A 185 -10.64 -6.40 -4.38
C ALA A 185 -9.48 -7.22 -4.92
N LEU A 186 -9.81 -8.31 -5.61
CA LEU A 186 -8.82 -9.16 -6.26
C LEU A 186 -9.12 -9.28 -7.74
N SER A 187 -8.12 -9.01 -8.58
CA SER A 187 -8.21 -9.35 -10.02
C SER A 187 -7.09 -10.32 -10.37
N VAL A 188 -7.39 -11.28 -11.24
CA VAL A 188 -6.44 -12.30 -11.66
C VAL A 188 -6.48 -12.34 -13.19
N HIS A 189 -5.31 -12.26 -13.82
CA HIS A 189 -5.22 -12.14 -15.27
C HIS A 189 -6.19 -11.12 -15.88
N GLY A 190 -6.37 -9.99 -15.19
CA GLY A 190 -7.12 -8.88 -15.74
C GLY A 190 -8.63 -8.98 -15.59
N ARG A 191 -9.07 -9.94 -14.78
N ARG A 191 -9.09 -9.96 -14.83
CA ARG A 191 -10.50 -10.18 -14.54
CA ARG A 191 -10.51 -10.12 -14.54
C ARG A 191 -10.77 -10.08 -13.04
C ARG A 191 -10.73 -9.98 -13.05
N ARG A 192 -11.83 -9.34 -12.69
CA ARG A 192 -12.12 -9.07 -11.27
C ARG A 192 -12.85 -10.25 -10.73
N VAL A 193 -12.29 -10.92 -9.70
CA VAL A 193 -12.84 -12.17 -9.22
C VAL A 193 -13.38 -12.18 -7.79
N VAL A 194 -12.93 -11.27 -6.92
CA VAL A 194 -13.53 -11.13 -5.58
C VAL A 194 -13.58 -9.67 -5.20
N GLU A 195 -14.72 -9.26 -4.62
CA GLU A 195 -14.83 -7.95 -3.94
C GLU A 195 -15.42 -8.18 -2.56
N ALA A 196 -14.88 -7.50 -1.55
CA ALA A 196 -15.41 -7.59 -0.20
C ALA A 196 -15.49 -6.19 0.42
N SER A 197 -16.36 -6.03 1.41
CA SER A 197 -16.50 -4.77 2.12
C SER A 197 -16.83 -5.06 3.59
N VAL A 198 -16.35 -4.21 4.48
CA VAL A 198 -16.75 -4.25 5.89
C VAL A 198 -17.10 -2.84 6.34
N THR A 199 -18.23 -2.71 7.04
CA THR A 199 -18.52 -1.45 7.72
C THR A 199 -18.55 -1.78 9.21
N VAL A 200 -17.59 -1.23 9.94
CA VAL A 200 -17.39 -1.64 11.32
C VAL A 200 -18.33 -0.89 12.25
N ASP A 201 -18.69 -1.50 13.38
N ASP A 201 -18.71 -1.58 13.33
CA ASP A 201 -19.56 -0.80 14.35
CA ASP A 201 -19.72 -1.11 14.27
C ASP A 201 -19.09 -0.89 15.80
C ASP A 201 -19.10 -0.88 15.66
N ARG A 202 -18.11 -1.72 16.07
N ARG A 202 -18.22 -1.78 16.08
CA ARG A 202 -17.64 -1.88 17.43
CA ARG A 202 -17.59 -1.71 17.40
C ARG A 202 -16.27 -2.52 17.51
C ARG A 202 -16.22 -2.34 17.43
N SER A 203 -15.54 -2.20 18.56
CA SER A 203 -14.26 -2.85 18.82
C SER A 203 -14.47 -4.01 19.83
N THR A 204 -13.76 -5.12 19.62
CA THR A 204 -13.76 -6.25 20.54
C THR A 204 -12.35 -6.77 20.78
N ASP A 205 -12.21 -7.69 21.74
CA ASP A 205 -10.95 -8.42 21.95
C ASP A 205 -11.10 -9.89 21.55
N GLN A 206 -11.96 -10.15 20.57
CA GLN A 206 -12.27 -11.52 20.17
C GLN A 206 -11.73 -11.79 18.78
N PRO A 207 -10.56 -12.44 18.69
CA PRO A 207 -10.02 -12.74 17.36
C PRO A 207 -10.98 -13.60 16.53
N PRO A 208 -11.17 -13.26 15.26
CA PRO A 208 -11.96 -14.10 14.34
C PRO A 208 -11.48 -15.54 14.35
N ALA A 209 -12.42 -16.47 14.56
CA ALA A 209 -12.09 -17.88 14.76
C ALA A 209 -11.14 -18.48 13.72
N LEU A 210 -11.39 -18.25 12.43
CA LEU A 210 -10.54 -18.85 11.40
C LEU A 210 -9.17 -18.20 11.27
N HIS A 211 -8.95 -17.05 11.91
CA HIS A 211 -7.66 -16.41 11.92
C HIS A 211 -6.90 -16.69 13.21
N ASP A 212 -7.42 -17.61 14.01
CA ASP A 212 -6.84 -17.92 15.33
C ASP A 212 -6.71 -19.42 15.56
N VAL A 213 -6.54 -20.17 14.47
CA VAL A 213 -6.25 -21.59 14.55
C VAL A 213 -5.11 -21.94 13.59
N PRO A 214 -4.48 -23.09 13.79
CA PRO A 214 -3.38 -23.47 12.89
C PRO A 214 -3.84 -23.70 11.45
N LEU A 215 -2.98 -23.34 10.51
CA LEU A 215 -3.21 -23.63 9.09
C LEU A 215 -2.60 -24.99 8.69
N ALA A 216 -3.41 -25.84 8.07
CA ALA A 216 -2.95 -27.15 7.63
C ALA A 216 -2.82 -27.14 6.11
N HIS A 217 -1.59 -27.26 5.63
CA HIS A 217 -1.29 -27.14 4.19
C HIS A 217 -0.83 -28.48 3.62
N THR A 218 -0.85 -28.60 2.29
CA THR A 218 -0.32 -29.77 1.62
C THR A 218 0.97 -29.38 0.92
N LEU A 219 2.07 -29.98 1.35
N LEU A 219 2.08 -29.95 1.39
CA LEU A 219 3.38 -29.77 0.76
CA LEU A 219 3.37 -29.81 0.72
C LEU A 219 3.58 -30.75 -0.37
C LEU A 219 3.44 -30.79 -0.41
N VAL A 220 3.55 -30.25 -1.61
CA VAL A 220 3.77 -31.10 -2.76
C VAL A 220 4.32 -30.23 -3.89
N PHE A 221 5.21 -30.82 -4.68
N PHE A 221 5.26 -30.83 -4.61
CA PHE A 221 5.84 -30.09 -5.77
CA PHE A 221 5.88 -30.23 -5.79
C PHE A 221 6.00 -31.06 -6.93
C PHE A 221 5.77 -31.19 -6.95
N PRO A 222 5.67 -30.64 -8.16
CA PRO A 222 5.59 -31.55 -9.28
C PRO A 222 6.90 -32.33 -9.45
N GLU A 223 6.79 -33.60 -9.82
CA GLU A 223 7.93 -34.46 -10.08
C GLU A 223 8.39 -34.24 -11.52
N TRP A 224 9.57 -33.69 -11.64
CA TRP A 224 10.16 -33.39 -12.93
C TRP A 224 10.84 -34.61 -13.54
N VAL A 225 11.47 -35.43 -12.71
CA VAL A 225 12.07 -36.66 -13.21
C VAL A 225 11.13 -37.81 -12.86
N PRO A 226 10.62 -38.52 -13.89
CA PRO A 226 9.77 -39.70 -13.65
C PRO A 226 10.57 -40.88 -13.11
N ARG A 232 4.66 -37.40 -3.77
CA ARG A 232 4.45 -37.80 -2.37
C ARG A 232 4.05 -36.60 -1.48
N PRO A 233 2.75 -36.29 -1.43
CA PRO A 233 2.34 -35.12 -0.66
C PRO A 233 2.44 -35.35 0.84
N ARG A 234 2.68 -34.28 1.59
CA ARG A 234 2.67 -34.35 3.05
C ARG A 234 1.74 -33.29 3.60
N LEU A 235 0.96 -33.65 4.61
CA LEU A 235 0.11 -32.70 5.31
C LEU A 235 0.91 -32.10 6.42
N VAL A 236 1.03 -30.77 6.40
CA VAL A 236 1.85 -30.07 7.39
C VAL A 236 1.12 -28.89 8.00
N ALA A 237 1.57 -28.51 9.19
CA ALA A 237 1.05 -27.32 9.87
C ALA A 237 2.18 -26.32 9.98
N SER A 238 1.83 -25.05 9.89
CA SER A 238 2.79 -24.01 10.11
C SER A 238 2.94 -23.79 11.59
N GLU A 239 4.16 -23.99 12.07
CA GLU A 239 4.54 -23.65 13.45
C GLU A 239 4.81 -22.15 13.66
N VAL A 240 4.00 -21.52 14.50
CA VAL A 240 4.13 -20.09 14.75
C VAL A 240 4.33 -19.80 16.23
N SER A 241 4.84 -18.59 16.50
CA SER A 241 4.95 -18.07 17.85
C SER A 241 4.59 -16.58 17.81
N ASP A 242 4.38 -16.01 18.99
CA ASP A 242 4.21 -14.56 19.11
C ASP A 242 3.06 -14.04 18.27
N VAL A 243 1.97 -14.79 18.28
CA VAL A 243 0.76 -14.36 17.59
C VAL A 243 0.13 -13.20 18.34
N GLU A 244 -0.17 -12.11 17.64
N GLU A 244 -0.18 -12.14 17.62
CA GLU A 244 -0.69 -10.90 18.26
CA GLU A 244 -0.69 -10.91 18.20
C GLU A 244 -1.77 -10.24 17.40
C GLU A 244 -1.85 -10.38 17.37
N PHE A 245 -2.87 -9.88 18.06
CA PHE A 245 -3.96 -9.15 17.41
C PHE A 245 -4.08 -7.78 18.06
N SER A 246 -4.43 -6.79 17.25
CA SER A 246 -4.89 -5.50 17.75
C SER A 246 -6.33 -5.69 18.21
N PRO A 247 -6.93 -4.65 18.77
CA PRO A 247 -8.38 -4.73 18.95
C PRO A 247 -9.03 -5.01 17.61
N ILE A 248 -10.12 -5.78 17.63
CA ILE A 248 -10.80 -6.20 16.42
C ILE A 248 -11.99 -5.29 16.16
N TRP A 249 -11.99 -4.59 15.04
CA TRP A 249 -13.17 -3.81 14.69
C TRP A 249 -14.10 -4.68 13.86
N THR A 250 -15.34 -4.84 14.32
CA THR A 250 -16.25 -5.77 13.70
C THR A 250 -17.53 -5.09 13.30
N GLY A 251 -18.12 -5.52 12.19
CA GLY A 251 -19.41 -4.99 11.75
C GLY A 251 -19.98 -5.85 10.64
N SER A 252 -20.70 -5.22 9.70
CA SER A 252 -21.35 -5.98 8.66
C SER A 252 -20.30 -6.41 7.64
N GLY A 253 -20.54 -7.53 6.98
CA GLY A 253 -19.64 -7.96 5.92
C GLY A 253 -20.40 -8.12 4.62
N ASP A 254 -19.70 -7.91 3.52
CA ASP A 254 -20.25 -8.14 2.18
C ASP A 254 -19.17 -8.81 1.35
N LEU A 255 -19.57 -9.77 0.53
CA LEU A 255 -18.60 -10.53 -0.26
C LEU A 255 -19.26 -11.01 -1.55
N THR A 256 -18.60 -10.79 -2.68
CA THR A 256 -19.08 -11.27 -3.97
C THR A 256 -17.95 -11.94 -4.73
N PHE A 257 -18.21 -13.13 -5.28
CA PHE A 257 -17.29 -13.80 -6.20
C PHE A 257 -17.80 -13.54 -7.60
N PHE A 258 -16.88 -13.38 -8.54
CA PHE A 258 -17.21 -13.23 -9.93
C PHE A 258 -16.54 -14.36 -10.74
N ASP A 259 -17.06 -14.60 -11.95
CA ASP A 259 -16.48 -15.63 -12.83
C ASP A 259 -15.08 -15.25 -13.26
N GLY A 260 -14.25 -16.23 -13.60
CA GLY A 260 -12.90 -15.92 -14.04
C GLY A 260 -11.80 -16.73 -13.40
N LEU A 261 -12.15 -17.59 -12.45
CA LEU A 261 -11.19 -18.56 -11.91
C LEU A 261 -11.58 -20.03 -12.10
N GLY A 262 -12.77 -20.28 -12.64
CA GLY A 262 -13.20 -21.62 -12.96
C GLY A 262 -14.25 -22.15 -12.02
N ASP A 263 -14.89 -23.25 -12.41
CA ASP A 263 -15.98 -23.81 -11.62
C ASP A 263 -15.55 -24.38 -10.25
N ASP A 264 -14.33 -24.89 -10.15
N ASP A 264 -14.33 -24.88 -10.14
CA ASP A 264 -13.87 -25.44 -8.88
CA ASP A 264 -13.88 -25.45 -8.87
C ASP A 264 -13.84 -24.34 -7.82
C ASP A 264 -13.83 -24.34 -7.81
N PHE A 265 -13.21 -23.22 -8.14
CA PHE A 265 -13.21 -22.07 -7.24
C PHE A 265 -14.63 -21.56 -6.96
N GLY A 266 -15.44 -21.47 -8.01
CA GLY A 266 -16.80 -20.98 -7.87
C GLY A 266 -17.65 -21.76 -6.89
N ALA A 267 -17.27 -23.01 -6.67
CA ALA A 267 -18.01 -23.87 -5.75
C ALA A 267 -17.94 -23.38 -4.32
N LEU A 268 -16.96 -22.52 -4.04
CA LEU A 268 -16.73 -21.98 -2.69
C LEU A 268 -17.37 -20.61 -2.50
N ALA A 269 -18.17 -20.17 -3.46
CA ALA A 269 -18.84 -18.87 -3.35
C ALA A 269 -19.79 -18.87 -2.15
N PRO A 270 -19.99 -17.69 -1.53
CA PRO A 270 -20.83 -17.64 -0.34
C PRO A 270 -22.30 -17.94 -0.61
N LEU A 271 -22.86 -18.76 0.28
CA LEU A 271 -24.30 -18.97 0.32
C LEU A 271 -24.96 -17.84 1.11
N GLU A 272 -24.22 -17.32 2.08
CA GLU A 272 -24.67 -16.25 2.94
C GLU A 272 -23.40 -15.58 3.46
N VAL A 273 -23.46 -14.29 3.73
CA VAL A 273 -22.29 -13.56 4.20
C VAL A 273 -22.55 -13.06 5.62
N GLY A 274 -21.56 -13.25 6.49
CA GLY A 274 -21.67 -12.86 7.88
C GLY A 274 -20.95 -11.59 8.23
N SER A 275 -20.33 -11.59 9.41
CA SER A 275 -19.66 -10.42 9.95
C SER A 275 -18.31 -10.14 9.29
N GLY A 276 -17.97 -8.85 9.24
CA GLY A 276 -16.67 -8.41 8.80
C GLY A 276 -15.81 -7.94 9.95
N HIS A 277 -14.49 -7.97 9.73
CA HIS A 277 -13.53 -7.62 10.77
C HIS A 277 -12.34 -6.89 10.14
N VAL A 278 -11.86 -5.86 10.84
CA VAL A 278 -10.72 -5.10 10.39
C VAL A 278 -9.78 -5.03 11.59
N PHE A 279 -8.53 -5.46 11.40
CA PHE A 279 -7.61 -5.56 12.54
C PHE A 279 -6.19 -5.66 12.05
N SER A 280 -5.24 -5.49 12.97
CA SER A 280 -3.82 -5.74 12.68
C SER A 280 -3.41 -7.07 13.29
N TYR A 281 -2.44 -7.72 12.66
CA TYR A 281 -2.06 -9.07 13.07
C TYR A 281 -0.55 -9.24 12.94
N GLY A 282 0.05 -9.94 13.90
CA GLY A 282 1.45 -10.31 13.82
C GLY A 282 1.69 -11.76 14.17
N GLU A 283 2.71 -12.38 13.57
CA GLU A 283 3.12 -13.73 13.98
C GLU A 283 4.54 -13.94 13.50
N THR A 284 5.21 -14.93 14.09
CA THR A 284 6.49 -15.40 13.61
C THR A 284 6.34 -16.83 13.15
N LEU A 285 6.78 -17.10 11.91
CA LEU A 285 6.67 -18.42 11.29
C LEU A 285 8.02 -19.11 11.35
N HIS A 286 8.06 -20.28 11.97
CA HIS A 286 9.36 -20.94 12.26
C HIS A 286 9.72 -22.08 11.31
N GLY A 287 8.72 -22.71 10.71
CA GLY A 287 8.96 -23.97 10.03
C GLY A 287 7.71 -24.81 10.02
N GLY A 288 7.82 -26.01 9.47
CA GLY A 288 6.68 -26.88 9.39
C GLY A 288 6.76 -28.00 10.43
N ARG A 289 5.60 -28.48 10.84
CA ARG A 289 5.54 -29.72 11.60
C ARG A 289 4.68 -30.69 10.82
N LEU A 290 5.11 -31.93 10.78
CA LEU A 290 4.40 -32.93 10.01
C LEU A 290 3.12 -33.35 10.70
N LEU A 291 2.01 -33.27 9.96
CA LEU A 291 0.77 -33.84 10.46
C LEU A 291 0.62 -35.28 9.97
N SER A 292 0.87 -35.51 8.67
CA SER A 292 0.94 -36.87 8.16
C SER A 292 1.70 -36.95 6.86
N ASP A 293 2.50 -38.01 6.70
CA ASP A 293 3.10 -38.27 5.40
C ASP A 293 2.43 -39.45 4.68
N TYR A 294 1.30 -39.87 5.21
CA TYR A 294 0.48 -40.89 4.58
C TYR A 294 1.21 -42.21 4.37
N SER A 295 2.21 -42.46 5.21
CA SER A 295 2.99 -43.69 5.08
C SER A 295 2.43 -44.77 6.00
N PRO B 30 -26.10 24.69 -21.25
CA PRO B 30 -27.47 24.84 -21.74
C PRO B 30 -27.66 24.67 -23.26
N GLY B 31 -26.74 25.22 -24.05
CA GLY B 31 -26.85 25.10 -25.50
C GLY B 31 -25.74 24.25 -26.11
N SER B 32 -25.45 23.10 -25.50
CA SER B 32 -24.29 22.31 -25.89
C SER B 32 -24.59 21.26 -26.97
N ALA B 33 -23.67 21.11 -27.92
CA ALA B 33 -23.86 20.22 -29.06
C ALA B 33 -23.07 18.91 -28.93
N GLY B 34 -21.80 18.94 -29.31
CA GLY B 34 -21.01 17.73 -29.38
C GLY B 34 -20.95 17.00 -28.06
N PRO B 35 -20.09 15.99 -27.98
CA PRO B 35 -19.87 15.34 -26.70
C PRO B 35 -19.17 16.28 -25.71
N VAL B 36 -19.29 15.97 -24.41
CA VAL B 36 -18.83 16.87 -23.35
C VAL B 36 -18.00 16.13 -22.29
N GLY B 37 -17.42 16.90 -21.36
CA GLY B 37 -16.67 16.30 -20.28
C GLY B 37 -15.74 17.30 -19.63
N TYR B 38 -15.44 17.07 -18.36
CA TYR B 38 -14.47 17.89 -17.64
C TYR B 38 -13.11 17.74 -18.29
N SER B 39 -12.83 16.54 -18.80
CA SER B 39 -11.59 16.23 -19.51
C SER B 39 -11.89 15.22 -20.61
N LEU B 40 -10.89 14.92 -21.43
CA LEU B 40 -10.96 13.76 -22.33
C LEU B 40 -11.12 12.46 -21.53
N PRO B 41 -11.72 11.42 -22.13
CA PRO B 41 -12.47 11.48 -23.39
C PRO B 41 -13.81 12.16 -23.22
N LEU B 42 -14.23 12.89 -24.25
CA LEU B 42 -15.55 13.48 -24.27
C LEU B 42 -16.58 12.39 -24.52
N SER B 43 -17.79 12.57 -24.01
CA SER B 43 -18.85 11.59 -24.24
C SER B 43 -20.19 12.30 -24.17
N PRO B 44 -21.23 11.65 -24.68
CA PRO B 44 -22.54 12.30 -24.69
C PRO B 44 -23.03 12.76 -23.29
N THR B 45 -22.77 12.00 -22.23
CA THR B 45 -23.23 12.37 -20.89
C THR B 45 -22.17 13.10 -20.07
N GLY B 46 -20.93 13.03 -20.52
CA GLY B 46 -19.80 13.53 -19.74
C GLY B 46 -19.26 12.53 -18.72
N GLU B 47 -19.83 11.33 -18.69
CA GLU B 47 -19.46 10.35 -17.66
C GLU B 47 -18.11 9.70 -17.92
N SER B 48 -17.65 9.71 -19.17
CA SER B 48 -16.42 9.01 -19.54
C SER B 48 -15.12 9.75 -19.18
N ALA B 49 -15.22 11.04 -18.86
CA ALA B 49 -14.01 11.83 -18.60
C ALA B 49 -13.09 11.17 -17.59
N MET B 50 -11.80 11.19 -17.90
CA MET B 50 -10.80 10.58 -17.03
C MET B 50 -10.77 11.29 -15.67
N LEU B 51 -10.95 12.61 -15.67
CA LEU B 51 -10.84 13.42 -14.46
C LEU B 51 -12.20 13.93 -14.06
N THR B 52 -12.40 14.14 -12.76
CA THR B 52 -13.60 14.77 -12.23
C THR B 52 -13.26 16.22 -11.88
N PRO B 53 -14.27 17.11 -11.94
CA PRO B 53 -14.00 18.46 -11.48
C PRO B 53 -13.58 18.50 -10.01
N PRO B 54 -12.75 19.48 -9.64
CA PRO B 54 -12.47 19.68 -8.21
C PRO B 54 -13.74 20.19 -7.50
N PRO B 55 -13.75 20.20 -6.16
CA PRO B 55 -12.64 19.92 -5.25
C PRO B 55 -12.32 18.44 -5.11
N TRP B 56 -11.06 18.18 -4.74
CA TRP B 56 -10.66 16.82 -4.43
C TRP B 56 -10.09 16.81 -3.03
N HIS B 57 -10.44 15.78 -2.28
CA HIS B 57 -9.94 15.57 -0.92
C HIS B 57 -8.76 14.58 -0.90
N PHE B 58 -7.75 14.89 -0.09
CA PHE B 58 -6.55 14.05 0.04
C PHE B 58 -6.31 13.69 1.50
N SER B 59 -5.99 12.42 1.75
CA SER B 59 -5.57 11.95 3.07
C SER B 59 -4.34 11.10 2.88
N GLY B 60 -3.23 11.49 3.48
CA GLY B 60 -1.97 10.84 3.19
C GLY B 60 -1.10 10.56 4.38
N GLU B 61 -0.08 9.74 4.13
CA GLU B 61 0.97 9.43 5.10
C GLU B 61 2.30 9.81 4.46
N VAL B 62 3.09 10.60 5.21
CA VAL B 62 4.29 11.25 4.69
C VAL B 62 5.53 10.83 5.43
N VAL B 63 6.61 10.62 4.65
CA VAL B 63 7.96 10.49 5.17
C VAL B 63 8.81 11.55 4.44
N MET B 64 9.32 12.52 5.19
CA MET B 64 9.90 13.74 4.59
C MET B 64 11.28 14.01 5.18
N VAL B 65 12.22 14.45 4.35
CA VAL B 65 13.51 14.85 4.90
C VAL B 65 13.85 16.29 4.45
N ASP B 66 14.11 17.16 5.42
CA ASP B 66 14.58 18.52 5.14
C ASP B 66 16.06 18.46 4.76
N TYR B 67 16.46 19.28 3.79
CA TYR B 67 17.87 19.32 3.40
C TYR B 67 18.31 20.66 2.86
N ARG B 68 19.62 20.80 2.68
CA ARG B 68 20.24 22.05 2.24
C ARG B 68 20.60 21.88 0.78
N VAL B 69 20.09 22.79 -0.05
CA VAL B 69 20.36 22.78 -1.48
C VAL B 69 21.25 23.95 -1.87
N ASP B 70 22.01 23.80 -2.95
CA ASP B 70 22.75 24.93 -3.51
C ASP B 70 21.74 26.03 -3.86
N PRO B 71 21.82 27.19 -3.21
CA PRO B 71 20.78 28.20 -3.47
C PRO B 71 20.79 28.74 -4.89
N ASP B 72 21.96 28.78 -5.52
CA ASP B 72 22.05 29.33 -6.86
C ASP B 72 21.42 28.34 -7.87
N ALA B 73 21.54 27.05 -7.58
CA ALA B 73 20.91 26.00 -8.42
C ALA B 73 19.40 26.09 -8.30
N ALA B 74 18.93 26.20 -7.06
CA ALA B 74 17.49 26.29 -6.81
C ALA B 74 16.86 27.51 -7.50
N ARG B 75 17.56 28.63 -7.47
CA ARG B 75 17.06 29.87 -8.07
C ARG B 75 16.72 29.71 -9.55
N ARG B 76 17.49 28.89 -10.25
CA ARG B 76 17.29 28.71 -11.69
C ARG B 76 16.03 27.93 -12.01
N PHE B 77 15.48 27.26 -10.99
CA PHE B 77 14.21 26.58 -11.15
C PHE B 77 13.00 27.47 -10.82
N LEU B 78 13.24 28.70 -10.35
CA LEU B 78 12.16 29.60 -9.98
C LEU B 78 11.81 30.51 -11.15
N PRO B 79 10.57 30.41 -11.66
CA PRO B 79 10.19 31.28 -12.78
C PRO B 79 10.08 32.73 -12.32
N PRO B 80 10.03 33.68 -13.27
CA PRO B 80 9.82 35.09 -12.93
C PRO B 80 8.61 35.25 -12.02
N GLY B 81 8.72 36.09 -11.00
CA GLY B 81 7.65 36.26 -10.04
C GLY B 81 7.89 35.54 -8.72
N LEU B 82 8.62 34.43 -8.75
CA LEU B 82 8.97 33.72 -7.52
C LEU B 82 10.38 34.10 -7.13
N GLU B 83 10.55 34.65 -5.93
CA GLU B 83 11.86 35.03 -5.42
C GLU B 83 12.40 33.93 -4.52
N PRO B 84 13.73 33.95 -4.28
CA PRO B 84 14.33 32.98 -3.38
C PRO B 84 13.69 33.06 -2.01
N GLY B 85 13.67 31.91 -1.33
CA GLY B 85 13.02 31.82 -0.04
C GLY B 85 13.79 32.64 0.98
N ALA B 86 13.14 32.94 2.10
CA ALA B 86 13.75 33.68 3.21
C ALA B 86 15.06 32.99 3.63
N ASP B 87 15.04 31.66 3.53
N ASP B 87 15.09 31.66 3.56
CA ASP B 87 16.24 30.84 3.64
CA ASP B 87 16.35 30.94 3.68
C ASP B 87 16.37 30.16 2.30
C ASP B 87 16.54 30.12 2.41
N PRO B 88 17.19 30.74 1.41
CA PRO B 88 17.20 30.26 0.02
C PRO B 88 17.71 28.85 -0.16
N GLY B 89 18.45 28.33 0.81
CA GLY B 89 18.96 26.97 0.73
C GLY B 89 18.08 25.87 1.32
N ALA B 90 16.92 26.23 1.86
CA ALA B 90 16.00 25.24 2.43
C ALA B 90 15.24 24.46 1.34
N ALA B 91 15.32 23.14 1.42
CA ALA B 91 14.65 22.24 0.49
C ALA B 91 14.11 21.04 1.26
N ALA B 92 13.34 20.20 0.59
CA ALA B 92 12.85 18.98 1.21
C ALA B 92 12.61 17.92 0.15
N ALA B 93 12.81 16.67 0.57
CA ALA B 93 12.43 15.50 -0.21
C ALA B 93 11.24 14.86 0.50
N VAL B 94 10.15 14.68 -0.24
CA VAL B 94 8.88 14.21 0.34
C VAL B 94 8.36 12.93 -0.30
N PHE B 95 8.25 11.86 0.49
CA PHE B 95 7.56 10.63 0.06
C PHE B 95 6.16 10.65 0.68
N ALA B 96 5.12 10.38 -0.10
CA ALA B 96 3.80 10.26 0.48
C ALA B 96 3.00 9.15 -0.18
N THR B 97 2.11 8.54 0.59
CA THR B 97 1.10 7.65 0.02
C THR B 97 -0.24 8.28 0.34
N TRP B 98 -1.11 8.34 -0.67
CA TRP B 98 -2.37 9.07 -0.59
C TRP B 98 -3.59 8.19 -0.87
N GLN B 99 -4.70 8.56 -0.25
CA GLN B 99 -6.03 8.25 -0.77
C GLN B 99 -6.63 9.58 -1.15
N TRP B 100 -7.41 9.60 -2.22
CA TRP B 100 -8.10 10.81 -2.64
C TRP B 100 -9.54 10.47 -3.06
N CYS B 101 -10.38 11.48 -3.09
CA CYS B 101 -11.73 11.33 -3.67
C CYS B 101 -12.33 12.66 -4.06
N SER B 102 -13.37 12.62 -4.88
CA SER B 102 -14.14 13.80 -5.22
C SER B 102 -15.11 14.09 -4.09
N GLN B 103 -15.88 15.17 -4.22
CA GLN B 103 -16.78 15.58 -3.14
C GLN B 103 -17.74 14.47 -2.75
N ASP B 104 -18.18 13.69 -3.73
CA ASP B 104 -19.17 12.64 -3.46
C ASP B 104 -18.58 11.39 -2.82
N GLY B 105 -17.25 11.30 -2.74
CA GLY B 105 -16.62 10.20 -2.06
C GLY B 105 -16.65 8.91 -2.85
N ALA B 106 -17.08 8.96 -4.12
CA ALA B 106 -17.37 7.70 -4.82
C ALA B 106 -16.13 6.82 -5.03
N GLU B 107 -14.96 7.45 -5.18
CA GLU B 107 -13.75 6.69 -5.50
C GLU B 107 -13.27 5.82 -4.34
N LEU B 108 -13.70 6.15 -3.12
CA LEU B 108 -13.17 5.48 -1.95
C LEU B 108 -13.52 4.00 -1.90
N THR B 109 -14.60 3.60 -2.58
CA THR B 109 -15.01 2.21 -2.51
C THR B 109 -14.21 1.28 -3.43
N ASP B 110 -13.31 1.88 -4.20
N ASP B 110 -13.35 1.84 -4.27
CA ASP B 110 -12.44 1.18 -5.12
CA ASP B 110 -12.49 1.00 -5.09
C ASP B 110 -11.01 1.56 -4.75
C ASP B 110 -11.04 1.42 -4.85
N PRO B 111 -10.39 0.79 -3.86
CA PRO B 111 -9.06 1.21 -3.41
C PRO B 111 -8.04 1.32 -4.53
N GLY B 112 -8.19 0.50 -5.56
CA GLY B 112 -7.26 0.58 -6.68
C GLY B 112 -7.38 1.90 -7.43
N ARG B 113 -8.55 2.51 -7.38
CA ARG B 113 -8.78 3.74 -8.10
C ARG B 113 -8.39 4.98 -7.32
N CYS B 114 -8.42 4.91 -5.99
CA CYS B 114 -8.30 6.11 -5.17
C CYS B 114 -6.98 6.23 -4.43
N GLN B 115 -6.05 5.31 -4.68
CA GLN B 115 -4.75 5.36 -4.01
C GLN B 115 -3.61 5.66 -4.97
N PHE B 116 -2.58 6.36 -4.48
CA PHE B 116 -1.33 6.52 -5.24
C PHE B 116 -0.18 6.89 -4.34
N GLY B 117 1.04 6.58 -4.81
CA GLY B 117 2.24 7.02 -4.15
C GLY B 117 2.90 8.15 -4.90
N GLU B 118 3.66 8.96 -4.16
CA GLU B 118 4.25 10.18 -4.71
C GLU B 118 5.62 10.47 -4.11
N PHE B 119 6.50 11.02 -4.92
CA PHE B 119 7.74 11.63 -4.43
C PHE B 119 7.88 13.04 -5.01
N LEU B 120 8.16 14.01 -4.13
CA LEU B 120 8.30 15.42 -4.54
C LEU B 120 9.62 15.99 -4.03
N ILE B 121 10.20 16.90 -4.79
CA ILE B 121 11.18 17.84 -4.28
C ILE B 121 10.47 19.18 -4.03
N LEU B 122 10.75 19.80 -2.88
CA LEU B 122 10.26 21.13 -2.59
C LEU B 122 11.41 22.10 -2.35
N LEU B 123 11.25 23.29 -2.92
CA LEU B 123 12.20 24.40 -2.75
C LEU B 123 11.50 25.61 -2.11
N SER B 124 12.19 26.27 -1.17
CA SER B 124 11.60 27.46 -0.53
C SER B 124 11.65 28.66 -1.46
N CYS B 125 10.56 29.41 -1.53
CA CYS B 125 10.54 30.63 -2.33
C CYS B 125 9.57 31.61 -1.69
N GLU B 126 9.36 32.76 -2.34
CA GLU B 126 8.38 33.75 -1.89
C GLU B 126 7.67 34.40 -3.06
N PHE B 127 6.38 34.68 -2.89
CA PHE B 127 5.65 35.50 -3.85
C PHE B 127 5.15 36.74 -3.14
N GLU B 128 5.64 37.89 -3.60
CA GLU B 128 5.30 39.18 -3.01
C GLU B 128 5.41 39.15 -1.49
N GLY B 129 6.51 38.58 -1.02
CA GLY B 129 6.85 38.62 0.40
C GLY B 129 6.28 37.47 1.20
N ARG B 130 5.52 36.59 0.55
CA ARG B 130 4.85 35.53 1.28
C ARG B 130 5.54 34.20 1.03
N PRO B 131 5.83 33.45 2.10
CA PRO B 131 6.49 32.15 1.92
C PRO B 131 5.65 31.16 1.14
N MET B 132 6.27 30.50 0.18
CA MET B 132 5.62 29.48 -0.63
C MET B 132 6.64 28.39 -0.89
N ALA B 133 6.20 27.32 -1.57
CA ALA B 133 7.09 26.25 -1.95
C ALA B 133 6.95 26.02 -3.45
N ARG B 134 8.09 25.80 -4.11
CA ARG B 134 8.13 25.42 -5.50
C ARG B 134 8.45 23.93 -5.59
N CYS B 135 7.68 23.22 -6.39
CA CYS B 135 7.93 21.81 -6.67
C CYS B 135 8.50 21.67 -8.07
N PRO B 136 9.84 21.53 -8.18
CA PRO B 136 10.45 21.45 -9.51
C PRO B 136 10.30 20.05 -10.11
N TYR B 137 10.12 19.06 -9.27
CA TYR B 137 10.04 17.66 -9.73
C TYR B 137 9.06 16.89 -8.86
N ALA B 138 8.24 16.06 -9.50
CA ALA B 138 7.34 15.14 -8.81
C ALA B 138 7.20 13.85 -9.59
N TRP B 139 7.03 12.73 -8.88
CA TRP B 139 6.67 11.48 -9.54
C TRP B 139 5.49 10.86 -8.82
N VAL B 140 4.62 10.18 -9.57
CA VAL B 140 3.56 9.38 -9.01
C VAL B 140 3.50 8.04 -9.71
N ASP B 141 2.71 7.12 -9.18
CA ASP B 141 2.64 5.76 -9.74
C ASP B 141 1.26 5.38 -10.28
N GLN B 142 0.41 6.38 -10.50
CA GLN B 142 -0.92 6.18 -11.07
C GLN B 142 -1.26 7.27 -12.08
N ALA B 143 -1.97 6.88 -13.14
CA ALA B 143 -2.21 7.76 -14.28
C ALA B 143 -3.15 8.93 -13.99
N VAL B 144 -4.21 8.70 -13.26
CA VAL B 144 -5.15 9.80 -12.98
C VAL B 144 -4.46 10.92 -12.21
N PRO B 145 -3.76 10.58 -11.12
CA PRO B 145 -3.01 11.64 -10.45
C PRO B 145 -1.98 12.31 -11.36
N MET B 146 -1.32 11.56 -12.23
CA MET B 146 -0.30 12.17 -13.08
C MET B 146 -0.91 13.26 -13.96
N MET B 147 -2.02 12.94 -14.63
N MET B 147 -2.04 12.92 -14.60
CA MET B 147 -2.65 13.92 -15.51
CA MET B 147 -2.70 13.83 -15.52
C MET B 147 -3.22 15.08 -14.71
C MET B 147 -3.31 15.02 -14.78
N ARG B 148 -3.86 14.77 -13.60
CA ARG B 148 -4.43 15.80 -12.75
C ARG B 148 -3.35 16.75 -12.24
N GLY B 149 -2.15 16.21 -12.00
CA GLY B 149 -1.01 17.04 -11.68
C GLY B 149 -0.76 18.11 -12.74
N TRP B 150 -0.71 17.71 -14.00
CA TRP B 150 -0.49 18.71 -15.07
C TRP B 150 -1.62 19.76 -15.14
N VAL B 151 -2.85 19.39 -14.79
CA VAL B 151 -3.94 20.34 -14.75
C VAL B 151 -3.62 21.47 -13.76
N GLN B 152 -3.02 21.11 -12.62
CA GLN B 152 -2.68 22.05 -11.56
C GLN B 152 -1.29 22.70 -11.71
N GLY B 153 -0.52 22.23 -12.68
CA GLY B 153 0.82 22.73 -12.91
C GLY B 153 1.87 21.96 -12.11
N MET B 154 1.48 20.90 -11.40
CA MET B 154 2.48 20.13 -10.68
C MET B 154 3.14 19.20 -11.69
N PRO B 155 4.49 19.24 -11.78
CA PRO B 155 5.16 18.56 -12.91
C PRO B 155 5.39 17.07 -12.73
N LYS B 156 4.29 16.33 -12.61
CA LYS B 156 4.36 14.91 -12.35
C LYS B 156 4.82 14.07 -13.52
N GLN B 157 5.71 13.15 -13.23
CA GLN B 157 6.08 12.07 -14.17
C GLN B 157 5.78 10.74 -13.47
N PHE B 158 6.01 9.63 -14.16
CA PHE B 158 5.68 8.33 -13.61
C PHE B 158 6.91 7.69 -13.01
N GLY B 159 6.76 7.06 -11.84
CA GLY B 159 7.87 6.37 -11.22
C GLY B 159 7.39 5.21 -10.38
N VAL B 160 8.33 4.44 -9.82
CA VAL B 160 8.00 3.39 -8.87
C VAL B 160 8.47 3.89 -7.50
N ILE B 161 7.53 3.95 -6.55
CA ILE B 161 7.74 4.64 -5.30
C ILE B 161 7.36 3.72 -4.15
N HIS B 162 8.30 3.53 -3.23
CA HIS B 162 8.07 2.66 -2.09
C HIS B 162 8.30 3.41 -0.80
N GLN B 163 7.55 3.05 0.23
CA GLN B 163 7.57 3.79 1.48
C GLN B 163 7.19 2.87 2.63
N SER B 164 7.97 2.92 3.72
CA SER B 164 7.67 2.15 4.92
C SER B 164 6.37 2.58 5.56
N ARG B 165 5.65 1.63 6.14
CA ARG B 165 4.48 1.98 6.95
C ARG B 165 4.69 1.57 8.40
N PRO B 166 4.23 2.40 9.33
CA PRO B 166 4.29 2.02 10.74
C PRO B 166 3.45 0.79 10.99
N VAL B 167 3.88 -0.01 11.97
CA VAL B 167 3.13 -1.17 12.39
C VAL B 167 2.74 -0.96 13.86
N THR B 168 1.74 -1.71 14.32
CA THR B 168 1.33 -1.64 15.73
C THR B 168 1.35 -2.99 16.42
N VAL B 169 1.52 -4.07 15.66
CA VAL B 169 1.62 -5.41 16.25
C VAL B 169 2.73 -6.15 15.54
N GLY B 170 3.31 -7.14 16.19
CA GLY B 170 4.38 -7.91 15.61
C GLY B 170 5.72 -7.18 15.61
N LYS B 171 6.68 -7.75 14.90
CA LYS B 171 8.06 -7.30 14.89
C LYS B 171 8.52 -6.80 13.54
N ALA B 172 7.72 -7.00 12.50
CA ALA B 172 8.20 -6.70 11.14
C ALA B 172 7.95 -5.27 10.72
N GLY B 173 8.59 -4.35 11.43
CA GLY B 173 8.46 -2.94 11.11
C GLY B 173 8.75 -2.12 12.34
N SER B 174 8.51 -0.83 12.20
CA SER B 174 8.74 0.14 13.26
C SER B 174 7.44 0.76 13.74
N ARG B 175 7.38 1.07 15.03
CA ARG B 175 6.27 1.82 15.60
C ARG B 175 6.53 3.32 15.43
N LEU B 176 5.45 4.11 15.43
CA LEU B 176 5.56 5.56 15.60
C LEU B 176 5.91 5.87 17.03
N ALA B 177 7.20 5.85 17.31
CA ALA B 177 7.70 5.95 18.67
C ALA B 177 9.20 6.18 18.56
N PRO B 178 9.83 6.66 19.65
CA PRO B 178 11.26 6.93 19.54
C PRO B 178 12.04 5.69 19.09
N GLY B 179 12.95 5.86 18.14
CA GLY B 179 13.70 4.75 17.60
C GLY B 179 13.12 4.18 16.33
N GLY B 180 11.90 4.57 15.99
CA GLY B 180 11.29 4.08 14.77
C GLY B 180 11.94 4.57 13.48
N ARG B 181 12.22 3.64 12.56
CA ARG B 181 12.87 4.00 11.31
C ARG B 181 11.90 3.79 10.15
N PHE B 182 11.92 4.73 9.19
CA PHE B 182 11.02 4.72 8.04
C PHE B 182 11.82 5.12 6.81
N ASP B 183 11.63 4.37 5.73
CA ASP B 183 12.41 4.56 4.49
C ASP B 183 11.50 4.83 3.30
N GLY B 184 12.07 5.52 2.30
CA GLY B 184 11.42 5.82 1.04
C GLY B 184 12.39 5.56 -0.10
N ALA B 185 11.90 5.08 -1.25
CA ALA B 185 12.77 4.89 -2.42
C ALA B 185 12.00 5.22 -3.68
N LEU B 186 12.70 5.83 -4.64
CA LEU B 186 12.13 6.15 -5.96
C LEU B 186 13.01 5.54 -7.03
N SER B 187 12.40 4.78 -7.94
CA SER B 187 13.07 4.38 -9.16
C SER B 187 12.31 4.90 -10.38
N VAL B 188 13.08 5.32 -11.39
CA VAL B 188 12.51 5.84 -12.63
C VAL B 188 13.15 5.11 -13.79
N HIS B 189 12.33 4.56 -14.69
CA HIS B 189 12.80 3.74 -15.81
C HIS B 189 13.79 2.67 -15.37
N GLY B 190 13.51 2.06 -14.22
CA GLY B 190 14.27 0.93 -13.75
C GLY B 190 15.62 1.27 -13.14
N ARG B 191 15.83 2.55 -12.84
N ARG B 191 15.81 2.55 -12.80
CA ARG B 191 17.05 3.01 -12.16
CA ARG B 191 17.06 3.05 -12.21
C ARG B 191 16.66 3.65 -10.83
C ARG B 191 16.77 3.75 -10.88
N ARG B 192 17.48 3.39 -9.82
CA ARG B 192 17.19 3.91 -8.48
C ARG B 192 17.75 5.30 -8.38
N VAL B 193 16.88 6.29 -8.13
CA VAL B 193 17.31 7.67 -8.17
C VAL B 193 17.25 8.45 -6.86
N VAL B 194 16.38 8.06 -5.92
CA VAL B 194 16.39 8.69 -4.59
C VAL B 194 16.15 7.64 -3.52
N GLU B 195 16.87 7.75 -2.42
CA GLU B 195 16.58 6.94 -1.21
C GLU B 195 16.61 7.87 0.00
N ALA B 196 15.62 7.76 0.89
CA ALA B 196 15.56 8.58 2.10
C ALA B 196 15.24 7.69 3.30
N SER B 197 15.68 8.14 4.48
CA SER B 197 15.41 7.42 5.71
C SER B 197 15.20 8.43 6.83
N VAL B 198 14.31 8.08 7.77
CA VAL B 198 14.10 8.90 8.96
C VAL B 198 14.08 7.96 10.15
N THR B 199 14.82 8.33 11.20
CA THR B 199 14.71 7.62 12.48
C THR B 199 14.21 8.63 13.50
N VAL B 200 12.98 8.44 13.96
CA VAL B 200 12.30 9.46 14.77
C VAL B 200 12.69 9.36 16.23
N ASP B 201 12.72 10.49 16.93
N ASP B 201 12.71 10.51 16.90
CA ASP B 201 13.07 10.45 18.35
CA ASP B 201 13.12 10.61 18.31
C ASP B 201 12.13 11.26 19.25
C ASP B 201 11.98 11.08 19.20
N ARG B 202 11.19 12.01 18.67
CA ARG B 202 10.20 12.71 19.47
C ARG B 202 9.02 13.18 18.64
N SER B 203 7.90 13.44 19.32
CA SER B 203 6.70 13.99 18.71
C SER B 203 6.58 15.50 18.93
N THR B 204 6.15 16.24 17.91
CA THR B 204 5.92 17.69 18.05
C THR B 204 4.59 18.10 17.39
N ASP B 205 4.17 19.36 17.61
CA ASP B 205 2.98 19.87 16.94
C ASP B 205 3.35 20.97 15.96
N GLN B 206 4.59 20.90 15.46
CA GLN B 206 5.13 21.92 14.56
C GLN B 206 5.26 21.32 13.18
N PRO B 207 4.38 21.70 12.25
CA PRO B 207 4.47 21.09 10.92
C PRO B 207 5.74 21.55 10.20
N PRO B 208 6.39 20.65 9.45
CA PRO B 208 7.57 21.04 8.67
C PRO B 208 7.24 22.22 7.76
N ALA B 209 8.12 23.23 7.74
CA ALA B 209 7.86 24.48 7.05
C ALA B 209 7.46 24.33 5.58
N LEU B 210 8.16 23.49 4.82
CA LEU B 210 7.85 23.39 3.40
C LEU B 210 6.57 22.63 3.10
N HIS B 211 6.03 21.92 4.10
CA HIS B 211 4.77 21.23 3.93
C HIS B 211 3.59 22.06 4.47
N ASP B 212 3.87 23.30 4.89
CA ASP B 212 2.84 24.13 5.53
C ASP B 212 2.75 25.54 4.91
N VAL B 213 3.07 25.61 3.63
CA VAL B 213 2.95 26.83 2.84
C VAL B 213 2.35 26.52 1.46
N PRO B 214 1.78 27.53 0.79
CA PRO B 214 1.17 27.28 -0.52
C PRO B 214 2.18 26.82 -1.55
N LEU B 215 1.75 25.96 -2.47
CA LEU B 215 2.59 25.53 -3.59
C LEU B 215 2.33 26.45 -4.78
N ALA B 216 3.41 26.92 -5.39
CA ALA B 216 3.34 27.83 -6.54
C ALA B 216 3.80 27.07 -7.78
N HIS B 217 2.87 26.77 -8.70
CA HIS B 217 3.15 25.94 -9.86
C HIS B 217 3.13 26.77 -11.15
N THR B 218 3.65 26.20 -12.23
CA THR B 218 3.53 26.85 -13.53
C THR B 218 2.59 26.02 -14.40
N LEU B 219 1.54 26.67 -14.89
CA LEU B 219 0.60 26.03 -15.80
C LEU B 219 1.08 26.23 -17.21
N VAL B 220 1.45 25.14 -17.87
CA VAL B 220 1.77 25.23 -19.27
C VAL B 220 1.58 23.85 -19.89
N PHE B 221 1.09 23.87 -21.12
CA PHE B 221 0.82 22.65 -21.86
C PHE B 221 1.34 22.85 -23.28
N PRO B 222 1.94 21.82 -23.87
CA PRO B 222 2.54 22.05 -25.19
C PRO B 222 1.50 22.46 -26.22
N GLU B 223 1.89 23.33 -27.14
CA GLU B 223 1.02 23.76 -28.22
C GLU B 223 1.19 22.84 -29.41
N TRP B 224 0.09 22.23 -29.82
CA TRP B 224 0.09 21.26 -30.90
C TRP B 224 -0.08 21.93 -32.27
N VAL B 225 -0.87 22.98 -32.32
CA VAL B 225 -1.05 23.72 -33.56
C VAL B 225 -0.19 24.97 -33.54
N PRO B 226 0.74 25.09 -34.48
CA PRO B 226 1.60 26.29 -34.57
C PRO B 226 0.80 27.58 -34.76
N PRO B 231 2.98 28.44 -26.40
CA PRO B 231 2.61 28.27 -24.98
C PRO B 231 2.63 29.59 -24.22
N ARG B 232 1.65 29.76 -23.34
CA ARG B 232 1.53 30.97 -22.51
C ARG B 232 1.50 30.55 -21.05
N PRO B 233 2.67 30.48 -20.39
CA PRO B 233 2.67 30.00 -19.01
C PRO B 233 2.00 30.98 -18.03
N ARG B 234 1.44 30.43 -16.95
CA ARG B 234 0.86 31.23 -15.88
C ARG B 234 1.39 30.67 -14.56
N LEU B 235 1.73 31.59 -13.66
CA LEU B 235 2.16 31.22 -12.32
C LEU B 235 0.90 31.18 -11.46
N VAL B 236 0.66 30.03 -10.83
CA VAL B 236 -0.54 29.82 -10.04
C VAL B 236 -0.21 29.23 -8.68
N ALA B 237 -1.08 29.49 -7.72
CA ALA B 237 -0.99 28.84 -6.42
C ALA B 237 -2.17 27.90 -6.31
N SER B 238 -1.92 26.73 -5.72
CA SER B 238 -2.99 25.80 -5.41
C SER B 238 -3.75 26.29 -4.21
N GLU B 239 -5.05 26.53 -4.39
CA GLU B 239 -5.94 26.94 -3.31
C GLU B 239 -6.47 25.72 -2.54
N VAL B 240 -6.17 25.66 -1.25
CA VAL B 240 -6.55 24.51 -0.42
C VAL B 240 -7.35 24.97 0.81
N SER B 241 -8.15 24.07 1.37
CA SER B 241 -8.81 24.31 2.65
C SER B 241 -8.66 23.06 3.51
N ASP B 242 -9.02 23.21 4.79
CA ASP B 242 -9.09 22.05 5.69
C ASP B 242 -7.76 21.30 5.77
N VAL B 243 -6.68 22.06 5.84
CA VAL B 243 -5.36 21.47 5.99
C VAL B 243 -5.23 20.91 7.41
N GLU B 244 -4.77 19.67 7.52
CA GLU B 244 -4.71 19.01 8.82
C GLU B 244 -3.46 18.15 8.93
N PHE B 245 -2.77 18.26 10.06
CA PHE B 245 -1.62 17.41 10.36
C PHE B 245 -1.90 16.57 11.61
N SER B 246 -1.40 15.34 11.61
CA SER B 246 -1.28 14.55 12.84
C SER B 246 -0.11 15.13 13.65
N PRO B 247 0.11 14.62 14.85
CA PRO B 247 1.38 14.94 15.51
C PRO B 247 2.56 14.60 14.60
N ILE B 248 3.63 15.37 14.66
CA ILE B 248 4.77 15.17 13.77
C ILE B 248 5.85 14.41 14.51
N TRP B 249 6.27 13.26 13.97
CA TRP B 249 7.39 12.54 14.57
C TRP B 249 8.65 12.94 13.85
N THR B 250 9.65 13.42 14.62
CA THR B 250 10.82 14.03 14.02
C THR B 250 12.09 13.41 14.56
N GLY B 251 13.11 13.32 13.71
CA GLY B 251 14.39 12.78 14.12
C GLY B 251 15.43 13.02 13.04
N SER B 252 16.40 12.12 12.95
CA SER B 252 17.50 12.28 12.01
C SER B 252 16.96 12.04 10.61
N GLY B 253 17.55 12.67 9.62
CA GLY B 253 17.19 12.39 8.25
C GLY B 253 18.42 11.93 7.48
N ASP B 254 18.19 11.08 6.49
CA ASP B 254 19.22 10.70 5.53
C ASP B 254 18.61 10.75 4.15
N LEU B 255 19.39 11.22 3.18
CA LEU B 255 18.92 11.38 1.81
C LEU B 255 20.09 11.23 0.84
N THR B 256 19.86 10.46 -0.21
CA THR B 256 20.86 10.22 -1.26
C THR B 256 20.21 10.30 -2.62
N PHE B 257 20.79 11.10 -3.52
CA PHE B 257 20.35 11.11 -4.91
C PHE B 257 21.34 10.24 -5.69
N PHE B 258 20.86 9.52 -6.70
CA PHE B 258 21.70 8.74 -7.59
C PHE B 258 21.52 9.21 -9.04
N ASP B 259 22.48 8.83 -9.89
CA ASP B 259 22.45 9.23 -11.30
C ASP B 259 21.27 8.57 -12.00
N GLY B 260 20.85 9.15 -13.12
CA GLY B 260 19.76 8.54 -13.87
C GLY B 260 18.53 9.41 -14.08
N LEU B 261 18.62 10.68 -13.74
CA LEU B 261 17.60 11.66 -14.10
C LEU B 261 18.18 12.90 -14.76
N GLY B 262 19.50 12.93 -14.91
CA GLY B 262 20.13 13.98 -15.67
C GLY B 262 20.74 15.03 -14.77
N ASP B 263 21.60 15.85 -15.35
CA ASP B 263 22.36 16.84 -14.59
C ASP B 263 21.49 17.98 -14.05
N ASP B 264 20.38 18.30 -14.73
CA ASP B 264 19.55 19.40 -14.21
C ASP B 264 18.99 19.01 -12.83
N PHE B 265 18.47 17.79 -12.72
CA PHE B 265 17.99 17.26 -11.45
C PHE B 265 19.12 17.14 -10.41
N GLY B 266 20.29 16.67 -10.86
CA GLY B 266 21.42 16.46 -9.95
C GLY B 266 21.90 17.72 -9.27
N ALA B 267 21.67 18.86 -9.90
CA ALA B 267 22.09 20.15 -9.34
C ALA B 267 21.38 20.44 -8.02
N LEU B 268 20.26 19.75 -7.80
CA LEU B 268 19.45 19.95 -6.58
C LEU B 268 19.76 18.92 -5.50
N ALA B 269 20.82 18.15 -5.68
CA ALA B 269 21.16 17.13 -4.69
C ALA B 269 21.59 17.80 -3.40
N PRO B 270 21.42 17.09 -2.27
CA PRO B 270 21.75 17.69 -0.97
C PRO B 270 23.24 17.99 -0.73
N LEU B 271 23.49 19.19 -0.23
CA LEU B 271 24.80 19.59 0.24
C LEU B 271 24.98 19.06 1.66
N GLU B 272 23.88 19.05 2.38
CA GLU B 272 23.83 18.62 3.77
C GLU B 272 22.41 18.13 3.98
N VAL B 273 22.24 17.18 4.89
CA VAL B 273 20.91 16.63 5.15
C VAL B 273 20.53 16.91 6.59
N GLY B 274 19.29 17.36 6.77
CA GLY B 274 18.81 17.77 8.08
C GLY B 274 17.83 16.80 8.71
N SER B 275 16.82 17.34 9.37
CA SER B 275 15.87 16.52 10.11
C SER B 275 14.88 15.77 9.22
N GLY B 276 14.45 14.62 9.71
CA GLY B 276 13.40 13.88 9.02
C GLY B 276 12.10 13.96 9.81
N HIS B 277 10.99 13.74 9.12
CA HIS B 277 9.67 13.84 9.73
C HIS B 277 8.72 12.80 9.20
N VAL B 278 7.89 12.22 10.07
CA VAL B 278 6.90 11.22 9.67
C VAL B 278 5.56 11.69 10.25
N PHE B 279 4.57 11.84 9.38
CA PHE B 279 3.28 12.34 9.85
C PHE B 279 2.18 12.02 8.85
N SER B 280 0.94 12.24 9.27
CA SER B 280 -0.22 12.14 8.37
C SER B 280 -0.70 13.54 8.01
N TYR B 281 -1.24 13.70 6.81
CA TYR B 281 -1.61 15.01 6.28
C TYR B 281 -2.92 14.91 5.50
N GLY B 282 -3.75 15.93 5.63
CA GLY B 282 -4.95 16.03 4.83
C GLY B 282 -5.14 17.43 4.28
N GLU B 283 -5.78 17.54 3.11
CA GLU B 283 -6.15 18.84 2.56
C GLU B 283 -7.23 18.66 1.52
N THR B 284 -7.95 19.75 1.24
CA THR B 284 -8.89 19.79 0.13
C THR B 284 -8.41 20.79 -0.91
N LEU B 285 -8.25 20.32 -2.15
CA LEU B 285 -7.72 21.11 -3.25
C LEU B 285 -8.88 21.61 -4.11
N HIS B 286 -9.03 22.93 -4.26
CA HIS B 286 -10.19 23.52 -4.94
C HIS B 286 -9.95 24.00 -6.37
N GLY B 287 -8.72 24.40 -6.68
CA GLY B 287 -8.49 25.10 -7.93
C GLY B 287 -7.27 25.98 -7.85
N GLY B 288 -7.02 26.74 -8.91
CA GLY B 288 -5.86 27.60 -8.95
C GLY B 288 -6.22 29.06 -8.73
N ARG B 289 -5.29 29.77 -8.10
CA ARG B 289 -5.36 31.21 -7.95
C ARG B 289 -4.21 31.79 -8.74
N LEU B 290 -4.51 32.69 -9.66
CA LEU B 290 -3.50 33.28 -10.50
C LEU B 290 -2.56 34.19 -9.71
N LEU B 291 -1.27 33.89 -9.74
CA LEU B 291 -0.27 34.79 -9.17
C LEU B 291 0.24 35.77 -10.23
N SER B 292 0.52 35.25 -11.42
CA SER B 292 0.88 36.12 -12.54
C SER B 292 0.60 35.44 -13.88
N ASP B 293 -0.02 36.17 -14.81
CA ASP B 293 -0.15 35.70 -16.19
C ASP B 293 0.84 36.44 -17.09
N TYR B 294 1.74 37.19 -16.46
CA TYR B 294 2.84 37.85 -17.16
C TYR B 294 2.38 38.80 -18.27
N SER B 295 1.18 39.35 -18.12
CA SER B 295 0.64 40.31 -19.08
C SER B 295 1.39 41.64 -18.97
O01 4IC C . 5.18 -14.66 2.51
C02 4IC C . 4.77 -15.82 2.67
O03 4IC C . 5.53 -16.69 3.15
C04 4IC C . 3.37 -16.15 2.30
C06 4IC C . 2.23 -15.94 3.23
C07 4IC C . 2.49 -15.64 4.53
C08 4IC C . 1.31 -15.50 5.42
C09 4IC C . 1.31 -15.58 6.82
N10 4IC C . 0.03 -15.39 7.20
C11 4IC C . -0.74 -15.19 6.11
N12 4IC C . 0.04 -15.26 5.02
O01 4IC D . -3.42 13.60 -7.57
C02 4IC D . -3.01 14.75 -7.83
O03 4IC D . -3.81 15.66 -8.15
C04 4IC D . -1.56 15.04 -7.77
C06 4IC D . -0.91 15.45 -6.49
C07 4IC D . -1.71 15.92 -5.48
C08 4IC D . -1.04 16.33 -4.23
C09 4IC D . -1.60 17.07 -3.18
N10 4IC D . -0.64 17.20 -2.23
C11 4IC D . 0.46 16.55 -2.65
N12 4IC D . 0.22 16.01 -3.86
#